data_8F5H
#
_entry.id   8F5H
#
_cell.length_a   175.620
_cell.length_b   28.660
_cell.length_c   65.500
_cell.angle_alpha   90.00
_cell.angle_beta   106.66
_cell.angle_gamma   90.00
#
_symmetry.space_group_name_H-M   'C 1 2 1'
#
loop_
_entity.id
_entity.type
_entity.pdbx_description
1 polymer S2hlx_EX_19
2 water water
#
_entity_poly.entity_id   1
_entity_poly.type   'polypeptide(L)'
_entity_poly.pdbx_seq_one_letter_code
;MNLDSFKEELDDYFKEKIVKEFEKLCKELISKYEVKKPTPSPEIKKICEYLKKKHEELKDKYPEEFVKEIFKKMWEVFKK
ELSKQLKKLGVTNDGGEKYKIVKEDLNYLVDVIKSLEGLSDLDLNWEEIWNLEHHHHHH
;
_entity_poly.pdbx_strand_id   A,B
#
# COMPACT_ATOMS: atom_id res chain seq x y z
N LEU A 3 22.34 -7.24 -12.86
CA LEU A 3 22.09 -8.46 -12.11
C LEU A 3 20.67 -8.96 -12.29
N ASP A 4 20.59 -10.26 -12.63
CA ASP A 4 19.39 -11.07 -12.46
C ASP A 4 18.56 -10.70 -11.22
N SER A 5 19.09 -11.02 -10.02
CA SER A 5 18.29 -11.25 -8.81
C SER A 5 17.53 -9.99 -8.44
N PHE A 6 17.97 -8.91 -9.00
CA PHE A 6 17.90 -7.53 -8.54
C PHE A 6 16.97 -6.77 -9.54
N LYS A 7 17.16 -6.93 -10.88
CA LYS A 7 16.15 -6.63 -11.92
C LYS A 7 14.75 -7.23 -11.64
N GLU A 8 14.69 -8.46 -11.11
CA GLU A 8 13.41 -9.04 -10.70
C GLU A 8 12.81 -8.27 -9.53
N GLU A 9 13.65 -7.82 -8.59
CA GLU A 9 13.13 -7.07 -7.45
C GLU A 9 12.57 -5.72 -7.87
N LEU A 10 13.24 -5.04 -8.81
CA LEU A 10 12.78 -3.73 -9.26
C LEU A 10 11.60 -3.83 -10.21
N ASP A 11 11.60 -4.85 -11.08
CA ASP A 11 10.42 -5.15 -11.89
C ASP A 11 9.17 -5.19 -11.01
N ASP A 12 9.22 -5.94 -9.91
CA ASP A 12 8.08 -6.01 -9.00
C ASP A 12 7.81 -4.66 -8.32
N TYR A 13 8.86 -3.88 -8.07
CA TYR A 13 8.68 -2.55 -7.49
C TYR A 13 7.94 -1.62 -8.45
N PHE A 14 8.41 -1.55 -9.70
CA PHE A 14 7.71 -0.71 -10.68
C PHE A 14 6.32 -1.24 -10.97
N LYS A 15 6.14 -2.55 -10.88
CA LYS A 15 4.80 -3.12 -11.06
C LYS A 15 3.86 -2.63 -9.98
N GLU A 16 4.24 -2.83 -8.70
CA GLU A 16 3.42 -2.40 -7.58
C GLU A 16 2.99 -0.96 -7.72
N LYS A 17 3.89 -0.09 -8.17
CA LYS A 17 3.55 1.33 -8.22
C LYS A 17 2.67 1.67 -9.42
N ILE A 18 2.85 0.95 -10.53
CA ILE A 18 1.98 1.13 -11.68
C ILE A 18 0.55 0.73 -11.33
N VAL A 19 0.42 -0.31 -10.50
CA VAL A 19 -0.91 -0.77 -10.10
C VAL A 19 -1.54 0.21 -9.14
N LYS A 20 -0.78 0.67 -8.13
CA LYS A 20 -1.31 1.63 -7.17
C LYS A 20 -1.82 2.88 -7.85
N GLU A 21 -1.07 3.40 -8.81
CA GLU A 21 -1.51 4.59 -9.54
C GLU A 21 -2.88 4.37 -10.18
N PHE A 22 -3.05 3.22 -10.84
CA PHE A 22 -4.36 2.89 -11.40
C PHE A 22 -5.38 2.62 -10.32
N GLU A 23 -4.97 1.97 -9.24
CA GLU A 23 -5.90 1.67 -8.16
C GLU A 23 -6.52 2.93 -7.58
N LYS A 24 -5.74 4.01 -7.47
CA LYS A 24 -6.31 5.22 -6.90
C LYS A 24 -7.13 5.98 -7.94
N LEU A 25 -6.78 5.86 -9.22
CA LEU A 25 -7.66 6.35 -10.27
C LEU A 25 -9.06 5.72 -10.15
N CYS A 26 -9.11 4.38 -10.10
CA CYS A 26 -10.39 3.68 -10.06
C CYS A 26 -11.14 3.95 -8.77
N LYS A 27 -10.46 3.93 -7.62
CA LYS A 27 -11.13 4.29 -6.39
C LYS A 27 -11.79 5.67 -6.52
N GLU A 28 -11.13 6.61 -7.20
CA GLU A 28 -11.67 7.96 -7.28
C GLU A 28 -12.80 8.06 -8.31
N LEU A 29 -12.71 7.32 -9.41
CA LEU A 29 -13.73 7.41 -10.45
C LEU A 29 -14.92 6.49 -10.18
N ILE A 30 -14.65 5.23 -9.82
CA ILE A 30 -15.73 4.26 -9.67
C ILE A 30 -16.59 4.56 -8.45
N SER A 31 -16.01 5.18 -7.41
CA SER A 31 -16.80 5.49 -6.23
C SER A 31 -17.85 6.57 -6.51
N LYS A 32 -17.72 7.29 -7.62
CA LYS A 32 -18.67 8.29 -8.08
C LYS A 32 -19.35 7.85 -9.38
N TYR A 33 -19.23 6.58 -9.73
CA TYR A 33 -19.88 6.02 -10.91
C TYR A 33 -21.35 5.76 -10.60
N GLU A 34 -22.22 6.28 -11.44
CA GLU A 34 -23.66 6.06 -11.34
C GLU A 34 -24.13 5.49 -12.68
N VAL A 35 -24.99 4.48 -12.59
CA VAL A 35 -25.36 3.69 -13.77
C VAL A 35 -26.47 4.41 -14.53
N LYS A 36 -26.09 5.23 -15.51
CA LYS A 36 -27.06 5.86 -16.37
C LYS A 36 -26.48 5.99 -17.77
N LYS A 37 -27.38 5.96 -18.75
CA LYS A 37 -27.01 6.34 -20.10
C LYS A 37 -26.71 7.84 -20.14
N PRO A 38 -25.87 8.31 -21.09
CA PRO A 38 -25.27 7.61 -22.23
C PRO A 38 -24.09 6.70 -21.90
N THR A 39 -24.01 5.59 -22.63
CA THR A 39 -22.93 4.60 -22.68
C THR A 39 -22.09 4.82 -23.93
N PRO A 40 -20.76 4.82 -23.83
CA PRO A 40 -19.98 4.52 -22.63
C PRO A 40 -20.01 5.65 -21.60
N SER A 41 -19.92 5.28 -20.34
CA SER A 41 -19.99 6.26 -19.27
C SER A 41 -18.71 7.09 -19.22
N PRO A 42 -18.80 8.34 -18.74
CA PRO A 42 -17.60 9.18 -18.69
C PRO A 42 -16.48 8.57 -17.87
N GLU A 43 -16.80 7.93 -16.74
CA GLU A 43 -15.76 7.32 -15.93
C GLU A 43 -15.12 6.14 -16.64
N ILE A 44 -15.93 5.32 -17.33
CA ILE A 44 -15.40 4.23 -18.14
C ILE A 44 -14.45 4.76 -19.20
N LYS A 45 -14.88 5.81 -19.91
CA LYS A 45 -14.03 6.43 -20.92
C LYS A 45 -12.71 6.91 -20.32
N LYS A 46 -12.78 7.57 -19.17
CA LYS A 46 -11.57 8.05 -18.51
C LYS A 46 -10.62 6.91 -18.19
N ILE A 47 -11.17 5.82 -17.64
CA ILE A 47 -10.35 4.63 -17.40
C ILE A 47 -9.81 4.07 -18.70
N CYS A 48 -10.61 4.10 -19.78
CA CYS A 48 -10.15 3.64 -21.09
C CYS A 48 -8.99 4.49 -21.60
N GLU A 49 -9.07 5.81 -21.45
CA GLU A 49 -8.00 6.64 -21.95
C GLU A 49 -6.74 6.48 -21.11
N TYR A 50 -6.88 6.25 -19.80
CA TYR A 50 -5.70 5.99 -18.98
C TYR A 50 -5.01 4.70 -19.41
N LEU A 51 -5.80 3.67 -19.76
CA LEU A 51 -5.23 2.38 -20.14
C LEU A 51 -4.61 2.43 -21.53
N LYS A 52 -5.19 3.20 -22.45
CA LYS A 52 -4.56 3.43 -23.75
C LYS A 52 -3.26 4.22 -23.60
N LYS A 53 -3.25 5.19 -22.68
CA LYS A 53 -2.04 5.95 -22.39
C LYS A 53 -0.96 5.07 -21.75
N LYS A 54 -1.33 4.27 -20.76
CA LYS A 54 -0.32 3.51 -20.03
C LYS A 54 0.24 2.36 -20.86
N HIS A 55 -0.58 1.77 -21.74
CA HIS A 55 -0.07 0.65 -22.53
C HIS A 55 1.00 1.12 -23.50
N GLU A 56 0.73 2.18 -24.25
CA GLU A 56 1.71 2.71 -25.20
C GLU A 56 2.98 3.14 -24.49
N GLU A 57 2.84 3.77 -23.33
CA GLU A 57 4.02 4.13 -22.53
C GLU A 57 4.75 2.91 -21.99
N LEU A 58 4.03 1.84 -21.65
CA LEU A 58 4.71 0.65 -21.14
C LEU A 58 5.29 -0.20 -22.25
N LYS A 59 4.63 -0.25 -23.41
CA LYS A 59 5.13 -1.00 -24.55
C LYS A 59 6.56 -0.60 -24.91
N ASP A 60 6.89 0.69 -24.79
CA ASP A 60 8.22 1.20 -25.11
C ASP A 60 9.34 0.52 -24.32
N LYS A 61 9.03 -0.04 -23.16
CA LYS A 61 10.06 -0.18 -22.13
C LYS A 61 9.96 -1.43 -21.27
N TYR A 62 9.05 -2.35 -21.54
CA TYR A 62 8.94 -3.61 -20.83
C TYR A 62 8.67 -4.70 -21.83
N PRO A 63 9.01 -5.95 -21.51
CA PRO A 63 8.74 -7.06 -22.44
C PRO A 63 7.25 -7.33 -22.52
N GLU A 64 6.89 -8.16 -23.51
CA GLU A 64 5.50 -8.51 -23.77
C GLU A 64 4.85 -9.12 -22.53
N GLU A 65 5.55 -10.03 -21.86
CA GLU A 65 4.98 -10.80 -20.75
C GLU A 65 4.70 -9.93 -19.54
N PHE A 66 5.55 -8.94 -19.30
CA PHE A 66 5.36 -8.05 -18.16
C PHE A 66 4.17 -7.12 -18.37
N VAL A 67 4.00 -6.61 -19.59
CA VAL A 67 2.83 -5.76 -19.86
C VAL A 67 1.54 -6.52 -19.59
N LYS A 68 1.46 -7.76 -20.08
CA LYS A 68 0.26 -8.57 -19.84
C LYS A 68 0.02 -8.79 -18.36
N GLU A 69 1.08 -9.02 -17.58
CA GLU A 69 0.90 -9.25 -16.16
C GLU A 69 0.37 -8.01 -15.46
N ILE A 70 0.84 -6.82 -15.85
CA ILE A 70 0.37 -5.57 -15.26
C ILE A 70 -1.09 -5.34 -15.61
N PHE A 71 -1.47 -5.60 -16.87
CA PHE A 71 -2.85 -5.38 -17.28
C PHE A 71 -3.78 -6.45 -16.71
N LYS A 72 -3.27 -7.63 -16.37
CA LYS A 72 -4.05 -8.54 -15.55
C LYS A 72 -4.36 -7.92 -14.19
N LYS A 73 -3.33 -7.40 -13.52
CA LYS A 73 -3.51 -6.85 -12.19
C LYS A 73 -4.44 -5.64 -12.21
N MET A 74 -4.27 -4.74 -13.18
CA MET A 74 -5.18 -3.61 -13.29
C MET A 74 -6.61 -4.07 -13.56
N TRP A 75 -6.77 -5.16 -14.31
CA TRP A 75 -8.10 -5.68 -14.56
C TRP A 75 -8.72 -6.18 -13.25
N GLU A 76 -7.96 -6.94 -12.48
CA GLU A 76 -8.41 -7.36 -11.16
C GLU A 76 -8.77 -6.17 -10.28
N VAL A 77 -7.93 -5.13 -10.27
CA VAL A 77 -8.18 -3.98 -9.39
C VAL A 77 -9.47 -3.28 -9.79
N PHE A 78 -9.72 -3.18 -11.11
CA PHE A 78 -10.93 -2.52 -11.58
C PHE A 78 -12.18 -3.30 -11.20
N LYS A 79 -12.13 -4.63 -11.36
CA LYS A 79 -13.28 -5.45 -11.04
C LYS A 79 -13.65 -5.35 -9.57
N LYS A 80 -12.63 -5.35 -8.69
CA LYS A 80 -12.88 -5.26 -7.26
C LYS A 80 -13.48 -3.91 -6.88
N GLU A 81 -13.04 -2.83 -7.52
CA GLU A 81 -13.61 -1.52 -7.23
C GLU A 81 -15.04 -1.41 -7.78
N LEU A 82 -15.26 -1.90 -8.99
CA LEU A 82 -16.61 -1.86 -9.56
C LEU A 82 -17.56 -2.76 -8.78
N SER A 83 -17.06 -3.89 -8.26
CA SER A 83 -17.89 -4.77 -7.44
C SER A 83 -18.48 -4.04 -6.25
N LYS A 84 -17.66 -3.26 -5.54
CA LYS A 84 -18.16 -2.62 -4.32
C LYS A 84 -19.06 -1.44 -4.64
N GLN A 85 -18.84 -0.76 -5.77
CA GLN A 85 -19.77 0.31 -6.12
C GLN A 85 -21.12 -0.24 -6.54
N LEU A 86 -21.14 -1.40 -7.22
CA LEU A 86 -22.41 -1.97 -7.66
C LEU A 86 -23.25 -2.44 -6.47
N LYS A 87 -22.61 -2.98 -5.43
CA LYS A 87 -23.36 -3.31 -4.23
C LYS A 87 -23.80 -2.06 -3.48
N LYS A 88 -22.99 -1.00 -3.49
CA LYS A 88 -23.43 0.25 -2.87
C LYS A 88 -24.70 0.76 -3.53
N LEU A 89 -24.80 0.63 -4.86
CA LEU A 89 -25.95 1.15 -5.57
C LEU A 89 -27.15 0.19 -5.56
N GLY A 90 -26.94 -1.10 -5.32
CA GLY A 90 -28.00 -2.06 -5.48
C GLY A 90 -28.18 -2.60 -6.89
N VAL A 91 -27.18 -2.45 -7.76
CA VAL A 91 -27.24 -2.97 -9.13
C VAL A 91 -26.84 -4.43 -9.12
N THR A 92 -27.71 -5.30 -9.65
CA THR A 92 -27.46 -6.73 -9.75
C THR A 92 -27.76 -7.20 -11.17
N ASN A 93 -27.25 -8.41 -11.49
CA ASN A 93 -27.44 -9.03 -12.80
C ASN A 93 -28.85 -9.61 -12.87
N ASP A 94 -29.83 -8.75 -13.14
CA ASP A 94 -31.22 -9.17 -13.10
C ASP A 94 -31.97 -8.89 -14.40
N GLY A 95 -31.27 -8.65 -15.49
CA GLY A 95 -31.90 -8.44 -16.77
C GLY A 95 -32.46 -7.06 -16.99
N GLY A 96 -32.32 -6.15 -16.03
CA GLY A 96 -32.91 -4.84 -16.14
C GLY A 96 -31.96 -3.82 -16.75
N GLU A 97 -32.49 -2.62 -16.95
CA GLU A 97 -31.75 -1.60 -17.69
C GLU A 97 -30.46 -1.19 -16.97
N LYS A 98 -30.50 -1.11 -15.63
CA LYS A 98 -29.27 -0.82 -14.89
C LYS A 98 -28.21 -1.86 -15.17
N TYR A 99 -28.60 -3.13 -15.26
CA TYR A 99 -27.66 -4.18 -15.58
C TYR A 99 -27.14 -4.05 -17.00
N LYS A 100 -28.03 -3.79 -17.96
CA LYS A 100 -27.60 -3.66 -19.35
C LYS A 100 -26.64 -2.50 -19.52
N ILE A 101 -26.89 -1.38 -18.83
CA ILE A 101 -25.97 -0.25 -18.88
C ILE A 101 -24.59 -0.67 -18.40
N VAL A 102 -24.52 -1.36 -17.25
CA VAL A 102 -23.22 -1.84 -16.76
C VAL A 102 -22.58 -2.77 -17.80
N LYS A 103 -23.41 -3.59 -18.45
CA LYS A 103 -22.86 -4.55 -19.41
C LYS A 103 -22.36 -3.87 -20.68
N GLU A 104 -22.96 -2.74 -21.08
CA GLU A 104 -22.45 -2.01 -22.23
C GLU A 104 -21.10 -1.36 -21.91
N ASP A 105 -21.03 -0.68 -20.76
CA ASP A 105 -19.77 -0.10 -20.30
C ASP A 105 -18.65 -1.13 -20.27
N LEU A 106 -18.95 -2.34 -19.82
CA LEU A 106 -17.88 -3.32 -19.62
C LEU A 106 -17.48 -3.95 -20.93
N ASN A 107 -18.41 -4.09 -21.87
CA ASN A 107 -18.04 -4.58 -23.19
C ASN A 107 -17.18 -3.55 -23.91
N TYR A 108 -17.53 -2.27 -23.77
CA TYR A 108 -16.70 -1.20 -24.30
C TYR A 108 -15.30 -1.28 -23.72
N LEU A 109 -15.21 -1.44 -22.40
CA LEU A 109 -13.90 -1.50 -21.75
C LEU A 109 -13.09 -2.68 -22.25
N VAL A 110 -13.69 -3.88 -22.26
CA VAL A 110 -12.95 -5.08 -22.66
C VAL A 110 -12.50 -5.00 -24.12
N ASP A 111 -13.33 -4.42 -24.99
CA ASP A 111 -12.89 -4.22 -26.37
C ASP A 111 -11.63 -3.37 -26.42
N VAL A 112 -11.62 -2.27 -25.66
CA VAL A 112 -10.46 -1.38 -25.62
C VAL A 112 -9.21 -2.15 -25.20
N ILE A 113 -9.30 -2.89 -24.09
CA ILE A 113 -8.13 -3.59 -23.58
C ILE A 113 -7.69 -4.66 -24.56
N LYS A 114 -8.64 -5.37 -25.16
CA LYS A 114 -8.28 -6.46 -26.06
C LYS A 114 -7.69 -5.95 -27.37
N SER A 115 -8.00 -4.73 -27.78
CA SER A 115 -7.44 -4.16 -29.00
C SER A 115 -6.05 -3.57 -28.80
N LEU A 116 -5.49 -3.65 -27.59
CA LEU A 116 -4.12 -3.23 -27.35
C LEU A 116 -3.16 -4.36 -27.72
N GLU A 117 -2.06 -4.00 -28.40
CA GLU A 117 -1.18 -5.02 -28.96
C GLU A 117 -0.67 -5.94 -27.86
N GLY A 118 -0.86 -7.24 -28.05
CA GLY A 118 -0.41 -8.24 -27.10
C GLY A 118 -1.40 -8.60 -26.02
N LEU A 119 -2.56 -7.93 -25.94
CA LEU A 119 -3.51 -8.20 -24.86
C LEU A 119 -4.79 -8.89 -25.35
N SER A 120 -4.88 -9.25 -26.62
CA SER A 120 -6.16 -9.69 -27.18
C SER A 120 -6.67 -10.98 -26.59
N ASP A 121 -5.80 -11.79 -25.97
CA ASP A 121 -6.20 -13.07 -25.41
C ASP A 121 -6.33 -13.06 -23.89
N LEU A 122 -6.23 -11.87 -23.26
CA LEU A 122 -6.43 -11.76 -21.82
C LEU A 122 -7.78 -12.36 -21.42
N ASP A 123 -7.79 -13.02 -20.26
CA ASP A 123 -9.02 -13.49 -19.66
C ASP A 123 -9.72 -12.31 -19.02
N LEU A 124 -10.70 -11.74 -19.72
CA LEU A 124 -11.35 -10.50 -19.28
C LEU A 124 -12.82 -10.73 -18.90
N ASN A 125 -13.12 -11.86 -18.25
CA ASN A 125 -14.46 -12.11 -17.74
C ASN A 125 -14.71 -11.31 -16.47
N TRP A 126 -15.98 -10.95 -16.25
CA TRP A 126 -16.31 -10.08 -15.14
C TRP A 126 -17.48 -10.56 -14.30
N GLU A 127 -18.02 -11.75 -14.57
CA GLU A 127 -19.30 -12.13 -13.97
C GLU A 127 -19.25 -12.26 -12.45
N GLU A 128 -18.08 -12.37 -11.87
CA GLU A 128 -17.98 -12.48 -10.41
C GLU A 128 -18.16 -11.14 -9.71
N ILE A 129 -18.25 -10.02 -10.44
CA ILE A 129 -18.51 -8.75 -9.78
C ILE A 129 -19.88 -8.72 -9.13
N TRP A 130 -20.78 -9.62 -9.55
CA TRP A 130 -22.10 -9.75 -8.92
C TRP A 130 -22.06 -10.59 -7.65
N ASN A 131 -21.09 -11.49 -7.54
CA ASN A 131 -20.91 -12.34 -6.35
C ASN A 131 -20.15 -11.58 -5.27
N MET B 1 23.53 8.59 -18.56
CA MET B 1 22.94 8.83 -17.24
C MET B 1 23.43 10.01 -16.41
N ASN B 2 22.52 10.68 -15.68
CA ASN B 2 22.92 11.57 -14.60
C ASN B 2 23.14 10.79 -13.30
N LEU B 3 24.39 10.79 -12.82
CA LEU B 3 24.73 10.03 -11.61
C LEU B 3 24.23 10.71 -10.34
N ASP B 4 24.11 12.04 -10.34
CA ASP B 4 23.55 12.73 -9.18
C ASP B 4 22.13 12.28 -8.92
N SER B 5 21.31 12.25 -9.97
CA SER B 5 19.94 11.81 -9.80
C SER B 5 19.89 10.33 -9.44
N PHE B 6 20.62 9.48 -10.17
CA PHE B 6 20.57 8.03 -9.93
C PHE B 6 20.71 7.69 -8.45
N LYS B 7 21.62 8.37 -7.74
CA LYS B 7 21.81 8.06 -6.34
C LYS B 7 20.65 8.56 -5.49
N GLU B 8 20.39 9.87 -5.52
CA GLU B 8 19.21 10.40 -4.86
C GLU B 8 17.97 9.57 -5.22
N GLU B 9 17.92 9.08 -6.45
CA GLU B 9 16.86 8.14 -6.76
C GLU B 9 17.02 6.80 -6.01
N LEU B 10 18.21 6.21 -5.99
CA LEU B 10 18.39 4.94 -5.30
C LEU B 10 18.15 5.08 -3.79
N ASP B 11 18.53 6.23 -3.24
CA ASP B 11 18.38 6.46 -1.80
C ASP B 11 16.90 6.43 -1.42
N ASP B 12 16.04 7.05 -2.22
CA ASP B 12 14.61 6.98 -1.98
C ASP B 12 14.08 5.57 -2.14
N TYR B 13 14.66 4.79 -3.06
CA TYR B 13 14.21 3.42 -3.24
C TYR B 13 14.54 2.56 -2.02
N PHE B 14 15.74 2.72 -1.47
CA PHE B 14 16.13 1.87 -0.35
C PHE B 14 15.47 2.31 0.94
N LYS B 15 15.20 3.61 1.08
CA LYS B 15 14.43 4.08 2.22
C LYS B 15 13.07 3.41 2.27
N GLU B 16 12.32 3.47 1.17
CA GLU B 16 10.99 2.86 1.13
C GLU B 16 11.06 1.37 1.42
N LYS B 17 12.07 0.69 0.88
CA LYS B 17 12.18 -0.76 1.07
C LYS B 17 12.45 -1.10 2.53
N ILE B 18 13.27 -0.30 3.20
CA ILE B 18 13.65 -0.58 4.58
C ILE B 18 12.49 -0.30 5.52
N VAL B 19 11.69 0.73 5.23
CA VAL B 19 10.53 1.02 6.06
C VAL B 19 9.44 -0.03 5.85
N LYS B 20 9.26 -0.49 4.60
CA LYS B 20 8.28 -1.53 4.32
C LYS B 20 8.61 -2.82 5.06
N GLU B 21 9.89 -3.18 5.09
CA GLU B 21 10.31 -4.35 5.87
C GLU B 21 9.84 -4.21 7.33
N PHE B 22 9.89 -2.99 7.87
CA PHE B 22 9.47 -2.80 9.23
C PHE B 22 7.96 -2.71 9.33
N GLU B 23 7.33 -2.11 8.33
CA GLU B 23 5.88 -2.02 8.31
C GLU B 23 5.24 -3.40 8.26
N LYS B 24 5.87 -4.34 7.56
CA LYS B 24 5.39 -5.71 7.58
C LYS B 24 5.56 -6.32 8.97
N LEU B 25 6.76 -6.16 9.54
CA LEU B 25 7.03 -6.70 10.87
C LEU B 25 6.11 -6.06 11.91
N CYS B 26 5.84 -4.76 11.78
CA CYS B 26 4.97 -4.08 12.74
C CYS B 26 3.54 -4.59 12.67
N LYS B 27 3.01 -4.83 11.47
CA LYS B 27 1.66 -5.34 11.35
C LYS B 27 1.52 -6.72 11.97
N GLU B 28 2.49 -7.60 11.71
CA GLU B 28 2.41 -8.98 12.19
C GLU B 28 2.41 -9.04 13.72
N LEU B 29 3.12 -8.14 14.39
CA LEU B 29 3.27 -8.19 15.84
C LEU B 29 2.19 -7.36 16.56
N ILE B 30 1.96 -6.13 16.11
CA ILE B 30 1.02 -5.27 16.80
C ILE B 30 -0.43 -5.72 16.58
N SER B 31 -0.74 -6.44 15.49
CA SER B 31 -2.13 -6.80 15.27
C SER B 31 -2.60 -7.86 16.26
N LYS B 32 -1.67 -8.58 16.88
CA LYS B 32 -1.97 -9.55 17.94
C LYS B 32 -1.52 -9.05 19.32
N TYR B 33 -1.19 -7.77 19.43
CA TYR B 33 -0.66 -7.22 20.68
C TYR B 33 -1.77 -7.15 21.72
N GLU B 34 -1.58 -7.82 22.86
CA GLU B 34 -2.48 -7.72 23.99
C GLU B 34 -1.80 -6.89 25.08
N VAL B 35 -2.60 -6.08 25.77
CA VAL B 35 -2.08 -5.23 26.83
C VAL B 35 -2.13 -6.05 28.11
N LYS B 36 -1.05 -6.80 28.35
CA LYS B 36 -0.93 -7.63 29.53
C LYS B 36 0.49 -7.53 30.06
N LYS B 37 0.62 -7.64 31.38
CA LYS B 37 1.94 -7.86 31.93
C LYS B 37 2.36 -9.30 31.59
N PRO B 38 3.67 -9.59 31.58
CA PRO B 38 4.83 -8.79 31.97
C PRO B 38 5.33 -7.80 30.91
N THR B 39 5.88 -6.69 31.38
CA THR B 39 6.46 -5.58 30.64
C THR B 39 7.98 -5.57 30.84
N PRO B 40 8.77 -5.37 29.78
CA PRO B 40 8.33 -5.14 28.39
C PRO B 40 7.75 -6.38 27.72
N SER B 41 6.71 -6.11 26.92
CA SER B 41 5.96 -7.14 26.24
C SER B 41 6.79 -7.76 25.09
N PRO B 42 6.49 -9.00 24.72
CA PRO B 42 7.32 -9.67 23.70
C PRO B 42 7.28 -8.98 22.35
N GLU B 43 6.13 -8.45 21.94
CA GLU B 43 6.09 -7.72 20.67
C GLU B 43 6.99 -6.50 20.70
N ILE B 44 6.98 -5.76 21.81
CA ILE B 44 7.86 -4.60 21.92
C ILE B 44 9.32 -5.04 22.00
N LYS B 45 9.60 -6.11 22.75
CA LYS B 45 10.96 -6.66 22.78
C LYS B 45 11.42 -7.03 21.39
N LYS B 46 10.56 -7.76 20.64
CA LYS B 46 10.88 -8.13 19.26
C LYS B 46 11.19 -6.91 18.41
N ILE B 47 10.30 -5.91 18.44
CA ILE B 47 10.49 -4.67 17.68
C ILE B 47 11.73 -3.91 18.14
N CYS B 48 12.08 -4.00 19.43
CA CYS B 48 13.31 -3.36 19.89
C CYS B 48 14.54 -4.05 19.32
N GLU B 49 14.51 -5.39 19.27
CA GLU B 49 15.66 -6.11 18.74
C GLU B 49 15.82 -5.88 17.25
N TYR B 50 14.70 -5.89 16.51
CA TYR B 50 14.78 -5.60 15.08
C TYR B 50 15.37 -4.22 14.84
N LEU B 51 15.04 -3.24 15.67
CA LEU B 51 15.54 -1.88 15.43
C LEU B 51 17.03 -1.78 15.76
N LYS B 52 17.49 -2.50 16.77
CA LYS B 52 18.91 -2.45 17.10
C LYS B 52 19.77 -3.12 16.03
N LYS B 53 19.33 -4.28 15.51
CA LYS B 53 20.10 -4.92 14.45
C LYS B 53 20.02 -4.14 13.14
N LYS B 54 18.91 -3.44 12.90
CA LYS B 54 18.81 -2.63 11.69
C LYS B 54 19.70 -1.40 11.77
N HIS B 55 19.72 -0.75 12.93
CA HIS B 55 20.55 0.44 13.11
C HIS B 55 22.02 0.13 12.92
N GLU B 56 22.52 -0.89 13.63
CA GLU B 56 23.92 -1.26 13.46
C GLU B 56 24.20 -1.68 12.01
N GLU B 57 23.22 -2.29 11.35
CA GLU B 57 23.36 -2.60 9.93
C GLU B 57 23.40 -1.33 9.08
N LEU B 58 22.66 -0.30 9.47
CA LEU B 58 22.62 0.92 8.68
C LEU B 58 23.72 1.91 9.05
N LYS B 59 24.24 1.84 10.27
CA LYS B 59 25.05 2.92 10.82
C LYS B 59 26.25 3.22 9.93
N ASP B 60 27.04 2.21 9.61
CA ASP B 60 28.28 2.44 8.88
C ASP B 60 28.12 2.25 7.38
N LYS B 61 26.89 2.34 6.86
CA LYS B 61 26.70 2.28 5.42
C LYS B 61 25.77 3.38 4.90
N TYR B 62 25.37 4.33 5.74
CA TYR B 62 24.55 5.45 5.29
C TYR B 62 24.91 6.69 6.13
N PRO B 63 24.79 7.89 5.55
CA PRO B 63 25.01 9.10 6.35
C PRO B 63 24.08 9.12 7.56
N GLU B 64 24.54 9.77 8.63
CA GLU B 64 23.76 9.77 9.86
C GLU B 64 22.37 10.38 9.64
N GLU B 65 22.30 11.48 8.90
CA GLU B 65 21.02 12.13 8.68
C GLU B 65 20.07 11.26 7.89
N PHE B 66 20.60 10.37 7.04
CA PHE B 66 19.75 9.40 6.36
C PHE B 66 19.26 8.32 7.32
N VAL B 67 20.13 7.85 8.22
CA VAL B 67 19.71 6.90 9.24
C VAL B 67 18.59 7.50 10.08
N LYS B 68 18.71 8.78 10.43
CA LYS B 68 17.69 9.47 11.22
C LYS B 68 16.35 9.49 10.49
N GLU B 69 16.37 9.85 9.20
CA GLU B 69 15.13 9.87 8.42
C GLU B 69 14.45 8.51 8.42
N ILE B 70 15.23 7.44 8.21
CA ILE B 70 14.71 6.08 8.25
C ILE B 70 14.02 5.81 9.58
N PHE B 71 14.68 6.15 10.68
CA PHE B 71 14.16 5.77 11.98
C PHE B 71 13.00 6.65 12.40
N LYS B 72 12.96 7.89 11.92
CA LYS B 72 11.75 8.69 12.10
C LYS B 72 10.57 8.09 11.35
N LYS B 73 10.78 7.59 10.13
CA LYS B 73 9.67 7.02 9.40
C LYS B 73 9.19 5.72 10.04
N MET B 74 10.13 4.90 10.52
CA MET B 74 9.73 3.70 11.25
C MET B 74 8.90 4.05 12.48
N TRP B 75 9.24 5.14 13.17
CA TRP B 75 8.46 5.55 14.32
C TRP B 75 7.02 5.89 13.91
N GLU B 76 6.87 6.65 12.84
CA GLU B 76 5.53 6.92 12.32
C GLU B 76 4.79 5.63 12.03
N VAL B 77 5.44 4.68 11.35
CA VAL B 77 4.76 3.43 11.04
C VAL B 77 4.34 2.70 12.32
N PHE B 78 5.20 2.73 13.35
CA PHE B 78 4.88 2.05 14.60
C PHE B 78 3.68 2.70 15.29
N LYS B 79 3.74 4.02 15.51
CA LYS B 79 2.63 4.75 16.12
C LYS B 79 1.31 4.50 15.38
N LYS B 80 1.34 4.55 14.05
CA LYS B 80 0.11 4.36 13.29
C LYS B 80 -0.47 2.98 13.52
N GLU B 81 0.38 1.96 13.52
CA GLU B 81 -0.09 0.59 13.69
C GLU B 81 -0.59 0.35 15.11
N LEU B 82 0.00 1.04 16.09
CA LEU B 82 -0.31 0.77 17.49
C LEU B 82 -1.59 1.48 17.94
N SER B 83 -1.81 2.71 17.47
CA SER B 83 -3.07 3.37 17.77
C SER B 83 -4.24 2.63 17.16
N LYS B 84 -4.05 2.03 15.98
CA LYS B 84 -5.10 1.22 15.39
C LYS B 84 -5.43 0.02 16.27
N GLN B 85 -4.42 -0.62 16.85
CA GLN B 85 -4.68 -1.76 17.72
C GLN B 85 -5.22 -1.33 19.08
N LEU B 86 -4.78 -0.18 19.59
CA LEU B 86 -5.38 0.33 20.82
C LEU B 86 -6.85 0.68 20.62
N LYS B 87 -7.21 1.14 19.42
CA LYS B 87 -8.62 1.36 19.12
C LYS B 87 -9.39 0.04 19.11
N LYS B 88 -8.83 -0.98 18.47
CA LYS B 88 -9.50 -2.29 18.41
C LYS B 88 -9.76 -2.83 19.81
N LEU B 89 -8.81 -2.66 20.72
CA LEU B 89 -8.93 -3.23 22.06
C LEU B 89 -9.77 -2.38 23.02
N GLY B 90 -10.08 -1.13 22.66
CA GLY B 90 -10.70 -0.23 23.61
C GLY B 90 -9.76 0.38 24.62
N VAL B 91 -8.45 0.32 24.41
CA VAL B 91 -7.50 0.90 25.36
C VAL B 91 -7.37 2.40 25.08
N THR B 92 -7.63 3.21 26.09
CA THR B 92 -7.52 4.67 26.04
C THR B 92 -6.62 5.12 27.19
N ASN B 93 -6.31 6.40 27.21
CA ASN B 93 -5.45 6.99 28.23
C ASN B 93 -6.32 7.49 29.38
N ASP B 94 -6.80 6.55 30.19
CA ASP B 94 -7.69 6.88 31.30
C ASP B 94 -7.07 6.59 32.66
N GLY B 95 -5.76 6.37 32.73
CA GLY B 95 -5.10 6.19 34.01
C GLY B 95 -5.18 4.81 34.61
N GLY B 96 -5.84 3.86 33.95
CA GLY B 96 -5.96 2.51 34.47
C GLY B 96 -4.72 1.66 34.17
N GLU B 97 -4.75 0.43 34.69
CA GLU B 97 -3.57 -0.43 34.57
C GLU B 97 -3.25 -0.77 33.13
N LYS B 98 -4.26 -0.89 32.25
CA LYS B 98 -3.99 -1.17 30.84
C LYS B 98 -3.25 -0.01 30.19
N TYR B 99 -3.67 1.22 30.48
CA TYR B 99 -2.94 2.37 29.97
C TYR B 99 -1.52 2.38 30.51
N LYS B 100 -1.34 1.96 31.76
CA LYS B 100 -0.01 1.98 32.36
C LYS B 100 0.91 0.95 31.73
N ILE B 101 0.35 -0.20 31.32
CA ILE B 101 1.14 -1.23 30.67
C ILE B 101 1.66 -0.72 29.32
N VAL B 102 0.77 -0.10 28.54
CA VAL B 102 1.21 0.48 27.27
C VAL B 102 2.27 1.55 27.48
N LYS B 103 2.12 2.35 28.55
CA LYS B 103 3.10 3.40 28.80
C LYS B 103 4.47 2.82 29.15
N GLU B 104 4.52 1.71 29.89
CA GLU B 104 5.82 1.12 30.22
C GLU B 104 6.45 0.49 28.97
N ASP B 105 5.64 -0.22 28.18
CA ASP B 105 6.10 -0.71 26.89
C ASP B 105 6.66 0.40 26.04
N LEU B 106 6.00 1.55 26.02
CA LEU B 106 6.41 2.62 25.12
C LEU B 106 7.64 3.33 25.65
N ASN B 107 7.72 3.52 26.97
CA ASN B 107 8.92 4.09 27.57
C ASN B 107 10.12 3.20 27.33
N TYR B 108 9.94 1.89 27.43
CA TYR B 108 11.03 0.96 27.18
C TYR B 108 11.50 1.08 25.74
N LEU B 109 10.55 1.24 24.81
CA LEU B 109 10.88 1.27 23.39
C LEU B 109 11.59 2.56 23.00
N VAL B 110 11.04 3.71 23.40
CA VAL B 110 11.70 4.99 23.18
C VAL B 110 13.08 5.04 23.84
N ASP B 111 13.24 4.39 24.99
CA ASP B 111 14.54 4.44 25.65
C ASP B 111 15.59 3.73 24.83
N VAL B 112 15.23 2.60 24.20
CA VAL B 112 16.16 1.88 23.33
C VAL B 112 16.52 2.74 22.11
N ILE B 113 15.50 3.31 21.46
CA ILE B 113 15.72 4.04 20.21
C ILE B 113 16.61 5.24 20.45
N LYS B 114 16.33 6.00 21.50
CA LYS B 114 17.16 7.15 21.85
C LYS B 114 18.57 6.75 22.27
N SER B 115 18.76 5.50 22.69
CA SER B 115 20.08 5.04 23.09
C SER B 115 20.94 4.63 21.90
N LEU B 116 20.38 4.64 20.69
CA LEU B 116 21.14 4.38 19.48
C LEU B 116 21.83 5.65 19.02
N GLU B 117 23.10 5.52 18.63
CA GLU B 117 23.92 6.69 18.28
C GLU B 117 23.26 7.54 17.21
N GLY B 118 23.17 8.85 17.47
CA GLY B 118 22.58 9.77 16.53
C GLY B 118 21.07 9.88 16.61
N LEU B 119 20.41 9.01 17.37
CA LEU B 119 18.96 9.04 17.48
C LEU B 119 18.48 9.70 18.76
N SER B 120 19.39 10.12 19.65
CA SER B 120 18.96 10.55 20.97
C SER B 120 18.07 11.79 20.94
N ASP B 121 17.99 12.50 19.81
CA ASP B 121 17.20 13.71 19.74
C ASP B 121 16.03 13.64 18.76
N LEU B 122 15.69 12.45 18.27
CA LEU B 122 14.42 12.28 17.58
C LEU B 122 13.30 12.73 18.48
N ASP B 123 12.21 13.22 17.88
CA ASP B 123 10.98 13.47 18.63
C ASP B 123 10.22 12.15 18.69
N LEU B 124 10.25 11.51 19.86
CA LEU B 124 9.59 10.23 20.09
C LEU B 124 8.33 10.39 20.94
N ASN B 125 7.66 11.53 20.84
CA ASN B 125 6.38 11.70 21.49
C ASN B 125 5.34 10.79 20.85
N TRP B 126 4.53 10.14 21.68
CA TRP B 126 3.54 9.21 21.17
C TRP B 126 2.11 9.58 21.55
N GLU B 127 1.88 10.77 22.09
CA GLU B 127 0.60 11.10 22.70
C GLU B 127 -0.57 11.12 21.72
N GLU B 128 -0.30 11.29 20.43
CA GLU B 128 -1.37 11.32 19.44
C GLU B 128 -1.95 9.95 19.14
N ILE B 129 -1.36 8.85 19.63
CA ILE B 129 -1.95 7.54 19.38
C ILE B 129 -3.30 7.37 20.07
N TRP B 130 -3.67 8.24 21.00
CA TRP B 130 -4.97 8.19 21.65
C TRP B 130 -6.05 8.94 20.88
N ASN B 131 -5.67 9.73 19.88
CA ASN B 131 -6.63 10.44 19.03
C ASN B 131 -7.09 9.54 17.90
#